data_3IB8
#
_entry.id   3IB8
#
_cell.length_a   100.400
_cell.length_b   100.400
_cell.length_c   80.801
_cell.angle_alpha   90.000
_cell.angle_beta   90.000
_cell.angle_gamma   90.000
#
_symmetry.space_group_name_H-M   'P 41 21 2'
#
loop_
_entity.id
_entity.type
_entity.pdbx_description
1 polymer 'Icc protein'
2 non-polymer 'FE (III) ION'
3 non-polymer 'MANGANESE (II) ION'
4 non-polymer 'ADENOSINE MONOPHOSPHATE'
5 non-polymer 2-[BIS-(2-HYDROXY-ETHYL)-AMINO]-2-HYDROXYMETHYL-PROPANE-1,3-DIOL
6 non-polymer (4S)-2-METHYL-2,4-PENTANEDIOL
7 non-polymer 'ACETATE ION'
8 water water
#
_entity_poly.entity_id   1
_entity_poly.type   'polypeptide(L)'
_entity_poly.pdbx_seq_one_letter_code
;GAMGIRNSKAYVEHRLRAAEHPRPDYVLLHISDTHLIGGDRRLYGAVDADDRLGELLEQLNQSGLRPDAIVFTGDLADKG
EPAAYRKLRGLVEPFAAQLGAELVWVMGNHDDRAELRKFLLDEAPSMAPLDRVCMIDGLRIIVLDTSVPGHHHGEIRASQ
LGWLAEELATPAPDGTILALHHPPIPSVLDMAVTVELRDQAALGRVLRGTDVRAILAGHLHYSTNATFVGIPVSVASATC
YTQDLTVAAGGTRGRDGAQGCNLVHVYPDTVVHSVIPLGGGETVGTFVSPGQARRKIAESGIFIEPSRRDSLFKHPPMVL
TSSAPRSPVD
;
_entity_poly.pdbx_strand_id   A
#
# COMPACT_ATOMS: atom_id res chain seq x y z
N LEU A 16 28.73 20.05 -14.69
CA LEU A 16 27.48 19.26 -14.49
C LEU A 16 26.33 20.11 -13.92
N ARG A 17 25.13 19.91 -14.46
CA ARG A 17 23.93 20.60 -13.99
C ARG A 17 23.06 19.65 -13.17
N ALA A 18 22.45 20.17 -12.10
CA ALA A 18 21.62 19.35 -11.24
C ALA A 18 20.31 19.00 -11.93
N ALA A 19 19.87 17.76 -11.75
CA ALA A 19 18.55 17.33 -12.20
C ALA A 19 17.48 18.13 -11.46
N GLU A 20 16.27 18.10 -11.99
CA GLU A 20 15.18 18.95 -11.48
C GLU A 20 14.73 18.59 -10.07
N HIS A 21 14.96 17.34 -9.68
CA HIS A 21 14.57 16.85 -8.37
C HIS A 21 15.73 16.11 -7.70
N PRO A 22 15.80 16.18 -6.36
CA PRO A 22 16.84 15.45 -5.65
C PRO A 22 16.42 13.98 -5.51
N ARG A 23 17.28 13.16 -4.93
CA ARG A 23 16.84 11.83 -4.49
C ARG A 23 15.75 12.01 -3.43
N PRO A 24 14.86 11.02 -3.30
CA PRO A 24 13.78 11.15 -2.30
C PRO A 24 14.28 11.08 -0.86
N ASP A 25 13.52 11.72 0.04
CA ASP A 25 13.76 11.65 1.48
C ASP A 25 13.46 10.25 2.02
N TYR A 26 12.33 9.69 1.58
CA TYR A 26 11.88 8.36 2.02
C TYR A 26 11.39 7.56 0.83
N VAL A 27 11.47 6.24 0.95
CA VAL A 27 10.96 5.33 -0.07
C VAL A 27 10.14 4.27 0.68
N LEU A 28 8.93 4.01 0.21
CA LEU A 28 8.09 2.97 0.79
C LEU A 28 7.57 2.06 -0.30
N LEU A 29 7.43 0.79 0.01
CA LEU A 29 6.66 -0.08 -0.86
C LEU A 29 5.24 -0.07 -0.34
N HIS A 30 4.28 -0.01 -1.27
CA HIS A 30 2.85 -0.02 -0.94
C HIS A 30 2.23 -1.23 -1.64
N ILE A 31 1.94 -2.25 -0.85
CA ILE A 31 1.43 -3.52 -1.35
C ILE A 31 0.05 -3.69 -0.75
N SER A 32 -0.84 -4.41 -1.43
CA SER A 32 -2.20 -4.50 -0.95
C SER A 32 -2.92 -5.76 -1.41
N ASP A 33 -3.93 -6.16 -0.64
CA ASP A 33 -4.88 -7.17 -1.10
C ASP A 33 -4.19 -8.46 -1.54
N THR A 34 -3.43 -9.03 -0.61
CA THR A 34 -2.72 -10.29 -0.84
C THR A 34 -3.68 -11.49 -0.85
N HIS A 35 -4.71 -11.44 0.00
CA HIS A 35 -5.77 -12.47 0.04
C HIS A 35 -5.23 -13.90 0.17
N LEU A 36 -4.26 -14.12 1.05
CA LEU A 36 -3.75 -15.49 1.22
C LEU A 36 -4.78 -16.34 1.96
N ILE A 37 -4.76 -17.64 1.67
CA ILE A 37 -5.60 -18.61 2.37
C ILE A 37 -4.74 -19.68 3.03
N GLY A 38 -5.30 -20.39 4.00
CA GLY A 38 -4.58 -21.48 4.66
C GLY A 38 -4.40 -22.63 3.68
N GLY A 39 -3.26 -23.30 3.77
CA GLY A 39 -2.99 -24.48 2.95
C GLY A 39 -2.63 -24.10 1.53
N ASP A 40 -2.68 -25.10 0.63
CA ASP A 40 -2.12 -24.94 -0.71
C ASP A 40 -3.10 -24.70 -1.87
N ARG A 41 -4.39 -24.56 -1.58
CA ARG A 41 -5.38 -24.40 -2.65
C ARG A 41 -5.35 -23.04 -3.33
N ARG A 42 -5.86 -22.99 -4.55
CA ARG A 42 -5.97 -21.74 -5.31
C ARG A 42 -7.09 -20.85 -4.76
N LEU A 43 -6.80 -19.56 -4.63
CA LEU A 43 -7.77 -18.56 -4.21
C LEU A 43 -8.96 -18.58 -5.17
N TYR A 44 -10.15 -18.76 -4.60
CA TYR A 44 -11.41 -18.91 -5.34
C TYR A 44 -11.32 -19.99 -6.43
N GLY A 45 -10.45 -20.98 -6.21
CA GLY A 45 -10.18 -22.03 -7.18
C GLY A 45 -9.58 -21.57 -8.51
N ALA A 46 -9.03 -20.36 -8.56
CA ALA A 46 -8.65 -19.75 -9.84
C ALA A 46 -7.23 -19.21 -9.95
N VAL A 47 -6.65 -18.78 -8.83
CA VAL A 47 -5.30 -18.19 -8.88
C VAL A 47 -4.51 -18.58 -7.63
N ASP A 48 -3.25 -18.96 -7.82
CA ASP A 48 -2.40 -19.24 -6.67
C ASP A 48 -1.87 -17.93 -6.10
N ALA A 49 -2.53 -17.44 -5.05
CA ALA A 49 -2.20 -16.14 -4.46
C ALA A 49 -0.81 -16.13 -3.82
N ASP A 50 -0.38 -17.28 -3.29
CA ASP A 50 0.96 -17.44 -2.73
C ASP A 50 2.00 -17.24 -3.82
N ASP A 51 1.78 -17.87 -4.98
CA ASP A 51 2.70 -17.77 -6.11
C ASP A 51 2.83 -16.35 -6.63
N ARG A 52 1.70 -15.66 -6.75
CA ARG A 52 1.68 -14.32 -7.29
C ARG A 52 2.42 -13.35 -6.37
N LEU A 53 2.16 -13.46 -5.06
CA LEU A 53 2.84 -12.64 -4.07
C LEU A 53 4.32 -12.97 -4.03
N GLY A 54 4.63 -14.27 -3.93
CA GLY A 54 6.01 -14.76 -3.95
C GLY A 54 6.81 -14.26 -5.14
N GLU A 55 6.23 -14.33 -6.33
CA GLU A 55 6.95 -13.87 -7.54
C GLU A 55 7.29 -12.38 -7.42
N LEU A 56 6.31 -11.59 -7.00
CA LEU A 56 6.51 -10.15 -6.81
C LEU A 56 7.62 -9.87 -5.79
N LEU A 57 7.55 -10.51 -4.62
CA LEU A 57 8.54 -10.30 -3.58
C LEU A 57 9.94 -10.63 -4.09
N GLU A 58 10.07 -11.76 -4.78
CA GLU A 58 11.37 -12.16 -5.30
C GLU A 58 11.91 -11.15 -6.32
N GLN A 59 11.02 -10.63 -7.17
CA GLN A 59 11.42 -9.59 -8.14
C GLN A 59 11.87 -8.29 -7.45
N LEU A 60 11.12 -7.87 -6.43
CA LEU A 60 11.49 -6.68 -5.65
C LEU A 60 12.81 -6.87 -4.93
N ASN A 61 12.99 -8.05 -4.35
CA ASN A 61 14.25 -8.41 -3.71
C ASN A 61 15.45 -8.34 -4.68
N GLN A 62 15.28 -8.91 -5.87
CA GLN A 62 16.36 -8.97 -6.85
C GLN A 62 16.70 -7.60 -7.44
N SER A 63 15.73 -6.68 -7.42
CA SER A 63 15.94 -5.33 -7.96
C SER A 63 16.96 -4.50 -7.16
N GLY A 64 17.13 -4.83 -5.87
CA GLY A 64 18.07 -4.10 -5.03
C GLY A 64 17.46 -2.88 -4.34
N LEU A 65 16.16 -2.69 -4.52
CA LEU A 65 15.40 -1.64 -3.83
C LEU A 65 15.62 -1.76 -2.31
N ARG A 66 15.85 -0.62 -1.66
CA ARG A 66 16.02 -0.57 -0.20
C ARG A 66 15.03 0.41 0.42
N PRO A 67 13.77 0.00 0.60
CA PRO A 67 12.79 0.96 1.10
C PRO A 67 12.93 1.16 2.60
N ASP A 68 12.48 2.31 3.10
CA ASP A 68 12.39 2.56 4.53
C ASP A 68 11.31 1.71 5.21
N ALA A 69 10.22 1.48 4.49
CA ALA A 69 9.09 0.73 5.05
C ALA A 69 8.32 0.05 3.95
N ILE A 70 7.59 -1.00 4.33
CA ILE A 70 6.71 -1.72 3.42
C ILE A 70 5.33 -1.66 4.09
N VAL A 71 4.36 -1.10 3.39
CA VAL A 71 3.02 -0.91 3.95
C VAL A 71 2.05 -1.80 3.18
N PHE A 72 1.31 -2.66 3.89
CA PHE A 72 0.30 -3.54 3.28
C PHE A 72 -1.09 -3.03 3.64
N THR A 73 -1.79 -2.46 2.66
CA THR A 73 -3.06 -1.76 2.94
C THR A 73 -4.31 -2.66 2.94
N GLY A 74 -4.21 -3.78 3.67
CA GLY A 74 -5.40 -4.58 4.02
C GLY A 74 -5.79 -5.72 3.11
N ASP A 75 -6.73 -6.55 3.57
CA ASP A 75 -7.15 -7.81 2.94
C ASP A 75 -5.93 -8.71 2.81
N LEU A 76 -5.28 -8.92 3.95
CA LEU A 76 -4.04 -9.68 4.00
C LEU A 76 -4.35 -11.17 3.87
N ALA A 77 -5.35 -11.61 4.61
CA ALA A 77 -5.83 -13.00 4.59
C ALA A 77 -7.26 -12.97 4.05
N ASP A 78 -7.54 -13.79 3.05
CA ASP A 78 -8.85 -13.78 2.41
C ASP A 78 -10.03 -14.10 3.33
N LYS A 79 -9.79 -14.97 4.31
CA LYS A 79 -10.83 -15.30 5.29
C LYS A 79 -10.31 -15.18 6.72
N GLY A 80 -9.29 -14.35 6.92
CA GLY A 80 -8.72 -14.13 8.25
C GLY A 80 -8.23 -15.38 8.94
N GLU A 81 -7.73 -16.34 8.16
CA GLU A 81 -7.29 -17.63 8.71
C GLU A 81 -5.94 -17.51 9.41
N PRO A 82 -5.84 -18.01 10.66
CA PRO A 82 -4.53 -18.10 11.32
C PRO A 82 -3.41 -18.66 10.42
N ALA A 83 -3.67 -19.78 9.74
CA ALA A 83 -2.69 -20.37 8.81
C ALA A 83 -2.24 -19.42 7.70
N ALA A 84 -3.17 -18.60 7.20
CA ALA A 84 -2.83 -17.57 6.19
C ALA A 84 -1.92 -16.49 6.78
N TYR A 85 -2.22 -16.04 8.00
CA TYR A 85 -1.38 -15.03 8.66
C TYR A 85 0.02 -15.57 8.94
N ARG A 86 0.10 -16.82 9.39
CA ARG A 86 1.41 -17.47 9.66
C ARG A 86 2.25 -17.55 8.39
N LYS A 87 1.58 -17.91 7.29
CA LYS A 87 2.24 -18.02 5.98
C LYS A 87 2.69 -16.65 5.48
N LEU A 88 1.79 -15.67 5.56
CA LEU A 88 2.11 -14.30 5.17
C LEU A 88 3.31 -13.77 5.95
N ARG A 89 3.32 -13.98 7.26
CA ARG A 89 4.43 -13.54 8.09
C ARG A 89 5.75 -14.23 7.67
N GLY A 90 5.67 -15.53 7.40
CA GLY A 90 6.81 -16.33 6.95
C GLY A 90 7.39 -15.90 5.60
N LEU A 91 6.55 -15.43 4.71
CA LEU A 91 7.00 -14.90 3.42
C LEU A 91 7.57 -13.49 3.56
N VAL A 92 6.91 -12.65 4.36
CA VAL A 92 7.14 -11.21 4.30
C VAL A 92 8.21 -10.72 5.29
N GLU A 93 8.23 -11.29 6.49
CA GLU A 93 9.24 -10.87 7.46
C GLU A 93 10.69 -11.01 6.96
N PRO A 94 11.06 -12.20 6.40
CA PRO A 94 12.42 -12.31 5.86
C PRO A 94 12.70 -11.35 4.70
N PHE A 95 11.67 -11.08 3.89
CA PHE A 95 11.74 -10.10 2.80
C PHE A 95 12.05 -8.70 3.37
N ALA A 96 11.27 -8.28 4.36
CA ALA A 96 11.47 -6.99 5.03
C ALA A 96 12.84 -6.89 5.70
N ALA A 97 13.26 -7.95 6.38
CA ALA A 97 14.58 -7.97 7.03
C ALA A 97 15.72 -7.85 6.02
N GLN A 98 15.61 -8.58 4.90
CA GLN A 98 16.61 -8.54 3.83
C GLN A 98 16.73 -7.14 3.21
N LEU A 99 15.60 -6.42 3.18
CA LEU A 99 15.56 -5.07 2.59
C LEU A 99 15.90 -3.97 3.61
N GLY A 100 15.95 -4.33 4.89
CA GLY A 100 16.23 -3.39 5.97
C GLY A 100 15.06 -2.44 6.21
N ALA A 101 13.86 -2.92 5.93
CA ALA A 101 12.64 -2.10 5.93
C ALA A 101 11.73 -2.44 7.09
N GLU A 102 11.10 -1.40 7.64
CA GLU A 102 10.04 -1.59 8.64
C GLU A 102 8.76 -2.09 7.98
N LEU A 103 7.98 -2.84 8.74
CA LEU A 103 6.81 -3.51 8.22
C LEU A 103 5.57 -2.88 8.86
N VAL A 104 4.63 -2.46 8.02
CA VAL A 104 3.40 -1.82 8.47
C VAL A 104 2.20 -2.59 7.93
N TRP A 105 1.43 -3.18 8.82
CA TRP A 105 0.24 -3.96 8.47
C TRP A 105 -1.05 -3.17 8.70
N VAL A 106 -2.03 -3.36 7.82
CA VAL A 106 -3.30 -2.62 7.87
C VAL A 106 -4.45 -3.64 7.71
N MET A 107 -5.54 -3.44 8.46
CA MET A 107 -6.76 -4.26 8.32
C MET A 107 -7.51 -3.98 7.01
N GLY A 108 -8.01 -5.05 6.39
CA GLY A 108 -9.03 -4.95 5.35
C GLY A 108 -10.32 -5.66 5.77
N ASN A 109 -11.37 -5.55 4.97
CA ASN A 109 -12.66 -6.18 5.29
C ASN A 109 -12.60 -7.71 5.40
N HIS A 110 -11.67 -8.34 4.67
CA HIS A 110 -11.52 -9.81 4.71
C HIS A 110 -10.76 -10.30 5.95
N ASP A 111 -10.00 -9.40 6.57
CA ASP A 111 -9.20 -9.76 7.73
C ASP A 111 -10.01 -9.95 9.00
N ASP A 112 -9.41 -10.65 9.98
CA ASP A 112 -10.01 -10.78 11.30
C ASP A 112 -9.07 -10.12 12.31
N ARG A 113 -9.58 -9.11 13.02
CA ARG A 113 -8.75 -8.32 13.94
C ARG A 113 -8.02 -9.16 14.98
N ALA A 114 -8.74 -10.13 15.55
CA ALA A 114 -8.19 -10.96 16.63
C ALA A 114 -7.12 -11.92 16.12
N GLU A 115 -7.39 -12.57 15.00
CA GLU A 115 -6.45 -13.52 14.40
C GLU A 115 -5.21 -12.80 13.83
N LEU A 116 -5.43 -11.62 13.25
CA LEU A 116 -4.32 -10.80 12.77
C LEU A 116 -3.40 -10.43 13.93
N ARG A 117 -3.99 -9.96 15.04
CA ARG A 117 -3.20 -9.60 16.22
C ARG A 117 -2.36 -10.79 16.70
N LYS A 118 -3.02 -11.94 16.86
CA LYS A 118 -2.35 -13.13 17.41
C LYS A 118 -1.22 -13.61 16.50
N PHE A 119 -1.52 -13.78 15.22
CA PHE A 119 -0.65 -14.53 14.33
C PHE A 119 0.28 -13.70 13.47
N LEU A 120 -0.09 -12.44 13.23
CA LEU A 120 0.76 -11.52 12.50
C LEU A 120 1.58 -10.66 13.45
N LEU A 121 1.00 -10.26 14.58
CA LEU A 121 1.61 -9.28 15.48
C LEU A 121 2.14 -9.81 16.81
N ASP A 122 1.80 -11.06 17.15
CA ASP A 122 2.15 -11.63 18.45
C ASP A 122 1.55 -10.79 19.58
N GLU A 123 0.34 -10.31 19.35
CA GLU A 123 -0.34 -9.48 20.33
C GLU A 123 -1.58 -10.21 20.81
N ALA A 124 -2.03 -9.86 22.02
CA ALA A 124 -3.22 -10.44 22.60
C ALA A 124 -4.40 -10.23 21.64
N PRO A 125 -5.25 -11.26 21.47
CA PRO A 125 -6.41 -11.07 20.60
C PRO A 125 -7.35 -10.01 21.19
N SER A 126 -7.80 -9.12 20.32
CA SER A 126 -8.71 -8.05 20.66
C SER A 126 -9.51 -7.74 19.42
N MET A 127 -10.76 -7.33 19.61
CA MET A 127 -11.61 -6.93 18.49
C MET A 127 -11.65 -5.40 18.31
N ALA A 128 -10.81 -4.66 19.05
CA ALA A 128 -10.72 -3.21 18.90
C ALA A 128 -10.15 -2.86 17.51
N PRO A 129 -10.56 -1.70 16.94
CA PRO A 129 -10.01 -1.34 15.62
C PRO A 129 -8.48 -1.34 15.66
N LEU A 130 -7.87 -1.80 14.56
CA LEU A 130 -6.42 -1.76 14.44
C LEU A 130 -5.96 -0.37 13.99
N ASP A 131 -5.93 0.55 14.95
CA ASP A 131 -5.45 1.93 14.71
C ASP A 131 -4.13 2.10 15.43
N ARG A 132 -3.12 2.58 14.72
CA ARG A 132 -1.75 2.63 15.23
C ARG A 132 -1.02 3.83 14.66
N VAL A 133 0.05 4.23 15.33
CA VAL A 133 0.89 5.31 14.80
C VAL A 133 2.35 4.95 15.01
N CYS A 134 3.20 5.34 14.06
CA CYS A 134 4.63 5.22 14.28
C CYS A 134 5.39 6.29 13.53
N MET A 135 6.67 6.42 13.86
CA MET A 135 7.56 7.35 13.17
C MET A 135 8.64 6.58 12.41
N ILE A 136 8.95 7.06 11.20
CA ILE A 136 10.18 6.64 10.53
C ILE A 136 11.01 7.92 10.39
N ASP A 137 11.99 8.09 11.28
CA ASP A 137 12.69 9.37 11.42
C ASP A 137 11.63 10.48 11.59
N GLY A 138 11.60 11.47 10.69
CA GLY A 138 10.61 12.57 10.81
C GLY A 138 9.28 12.37 10.08
N LEU A 139 9.10 11.20 9.48
CA LEU A 139 7.89 10.87 8.73
C LEU A 139 6.94 10.07 9.62
N ARG A 140 5.74 10.61 9.82
CA ARG A 140 4.71 9.91 10.59
C ARG A 140 3.85 9.01 9.71
N ILE A 141 3.60 7.79 10.19
CA ILE A 141 2.68 6.86 9.52
C ILE A 141 1.55 6.54 10.48
N ILE A 142 0.32 6.81 10.05
CA ILE A 142 -0.86 6.50 10.84
C ILE A 142 -1.58 5.37 10.12
N VAL A 143 -1.87 4.31 10.85
CA VAL A 143 -2.66 3.19 10.34
C VAL A 143 -4.08 3.32 10.89
N LEU A 144 -5.06 3.31 9.99
CA LEU A 144 -6.46 3.38 10.38
C LEU A 144 -7.19 2.13 9.92
N ASP A 145 -8.16 1.68 10.72
CA ASP A 145 -8.93 0.48 10.45
C ASP A 145 -10.33 0.87 9.99
N THR A 146 -10.56 0.76 8.67
CA THR A 146 -11.86 1.06 8.07
C THR A 146 -12.78 -0.17 8.04
N SER A 147 -12.27 -1.31 8.49
CA SER A 147 -13.08 -2.54 8.52
C SER A 147 -14.21 -2.51 9.56
N VAL A 148 -15.26 -3.27 9.27
CA VAL A 148 -16.42 -3.44 10.15
C VAL A 148 -16.59 -4.96 10.32
N PRO A 149 -16.31 -5.49 11.52
CA PRO A 149 -16.44 -6.94 11.70
C PRO A 149 -17.80 -7.47 11.22
N GLY A 150 -17.76 -8.55 10.45
CA GLY A 150 -18.98 -9.18 9.94
C GLY A 150 -19.55 -8.50 8.69
N HIS A 151 -18.86 -7.45 8.22
CA HIS A 151 -19.33 -6.63 7.08
C HIS A 151 -18.18 -6.32 6.13
N HIS A 152 -18.52 -5.87 4.92
CA HIS A 152 -17.51 -5.61 3.90
C HIS A 152 -17.35 -4.16 3.45
N HIS A 153 -18.32 -3.32 3.79
CA HIS A 153 -18.21 -1.89 3.55
C HIS A 153 -17.28 -1.29 4.59
N GLY A 154 -16.90 -0.03 4.37
CA GLY A 154 -16.01 0.66 5.29
C GLY A 154 -16.75 1.65 6.18
N GLU A 155 -16.29 1.76 7.43
CA GLU A 155 -16.79 2.75 8.36
C GLU A 155 -15.65 3.16 9.27
N ILE A 156 -15.67 4.41 9.70
CA ILE A 156 -14.74 4.88 10.72
C ILE A 156 -15.60 5.38 11.88
N ARG A 157 -15.44 4.75 13.05
CA ARG A 157 -16.26 5.12 14.21
C ARG A 157 -15.96 6.56 14.65
N ALA A 158 -16.93 7.18 15.31
CA ALA A 158 -16.74 8.49 15.92
C ALA A 158 -15.50 8.50 16.83
N SER A 159 -15.31 7.44 17.61
CA SER A 159 -14.15 7.33 18.50
C SER A 159 -12.82 7.33 17.72
N GLN A 160 -12.79 6.65 16.59
CA GLN A 160 -11.60 6.61 15.74
C GLN A 160 -11.32 7.98 15.15
N LEU A 161 -12.38 8.69 14.75
CA LEU A 161 -12.23 10.03 14.18
C LEU A 161 -11.67 11.01 15.21
N GLY A 162 -12.13 10.87 16.46
CA GLY A 162 -11.63 11.68 17.57
C GLY A 162 -10.15 11.40 17.83
N TRP A 163 -9.79 10.12 17.86
CA TRP A 163 -8.39 9.72 18.04
C TRP A 163 -7.50 10.28 16.94
N LEU A 164 -7.98 10.18 15.69
CA LEU A 164 -7.26 10.66 14.53
C LEU A 164 -7.07 12.18 14.58
N ALA A 165 -8.12 12.92 14.93
CA ALA A 165 -8.04 14.37 15.04
C ALA A 165 -7.02 14.78 16.08
N GLU A 166 -7.00 14.06 17.21
CA GLU A 166 -6.08 14.37 18.31
C GLU A 166 -4.64 14.13 17.87
N GLU A 167 -4.42 13.03 17.15
CA GLU A 167 -3.08 12.71 16.65
C GLU A 167 -2.61 13.78 15.66
N LEU A 168 -3.51 14.21 14.78
CA LEU A 168 -3.20 15.19 13.75
C LEU A 168 -3.20 16.65 14.21
N ALA A 169 -3.43 16.86 15.52
CA ALA A 169 -3.44 18.21 16.12
C ALA A 169 -2.12 18.93 15.91
N THR A 170 -1.02 18.16 15.87
CA THR A 170 0.30 18.69 15.55
C THR A 170 0.87 17.93 14.35
N PRO A 171 1.65 18.63 13.50
CA PRO A 171 2.27 17.99 12.34
C PRO A 171 3.58 17.29 12.70
N ALA A 172 4.00 16.40 11.80
CA ALA A 172 5.32 15.77 11.86
C ALA A 172 6.29 16.51 10.92
N PRO A 173 7.61 16.44 11.21
CA PRO A 173 8.58 17.18 10.38
C PRO A 173 8.49 16.90 8.87
N ASP A 174 8.31 15.63 8.49
CA ASP A 174 8.17 15.27 7.06
C ASP A 174 6.71 15.00 6.67
N GLY A 175 5.79 15.49 7.49
CA GLY A 175 4.37 15.25 7.29
C GLY A 175 3.99 13.81 7.60
N THR A 176 2.81 13.43 7.11
CA THR A 176 2.15 12.20 7.54
C THR A 176 1.60 11.39 6.36
N ILE A 177 1.76 10.07 6.46
CA ILE A 177 1.16 9.15 5.52
C ILE A 177 0.05 8.46 6.29
N LEU A 178 -1.17 8.50 5.75
CA LEU A 178 -2.30 7.79 6.36
C LEU A 178 -2.54 6.51 5.54
N ALA A 179 -2.53 5.36 6.22
CA ALA A 179 -2.69 4.07 5.53
C ALA A 179 -3.98 3.43 6.01
N LEU A 180 -4.84 3.03 5.08
CA LEU A 180 -6.13 2.41 5.40
C LEU A 180 -6.55 1.52 4.24
N HIS A 181 -7.65 0.79 4.39
CA HIS A 181 -8.08 -0.12 3.34
C HIS A 181 -9.06 0.52 2.34
N HIS A 182 -10.24 0.92 2.83
CA HIS A 182 -11.33 1.45 1.99
C HIS A 182 -11.02 2.93 1.65
N PRO A 183 -10.76 3.24 0.36
CA PRO A 183 -10.32 4.60 0.01
C PRO A 183 -11.47 5.64 -0.02
N PRO A 184 -11.21 6.87 0.43
CA PRO A 184 -12.24 7.92 0.32
C PRO A 184 -12.29 8.55 -1.07
N ILE A 185 -12.56 7.74 -2.09
CA ILE A 185 -12.60 8.24 -3.47
C ILE A 185 -13.70 7.52 -4.26
N PRO A 186 -14.17 8.14 -5.36
CA PRO A 186 -15.11 7.44 -6.25
C PRO A 186 -14.43 6.25 -6.93
N SER A 187 -15.22 5.24 -7.29
CA SER A 187 -14.73 4.12 -8.10
C SER A 187 -15.36 4.16 -9.49
N VAL A 188 -14.66 3.62 -10.48
CA VAL A 188 -15.22 3.53 -11.83
C VAL A 188 -16.09 2.28 -11.98
N LEU A 189 -16.03 1.40 -10.99
CA LEU A 189 -16.84 0.18 -10.99
C LEU A 189 -18.08 0.33 -10.11
N ASP A 190 -19.26 0.15 -10.71
CA ASP A 190 -20.52 0.36 -10.00
C ASP A 190 -20.66 -0.49 -8.75
N MET A 191 -20.28 -1.76 -8.83
CA MET A 191 -20.41 -2.70 -7.69
C MET A 191 -19.66 -2.23 -6.44
N ALA A 192 -18.60 -1.43 -6.65
CA ALA A 192 -17.82 -0.93 -5.53
C ALA A 192 -18.65 -0.12 -4.51
N VAL A 193 -19.72 0.54 -4.96
CA VAL A 193 -20.55 1.35 -4.03
C VAL A 193 -21.16 0.51 -2.91
N THR A 194 -21.42 -0.78 -3.16
CA THR A 194 -22.05 -1.64 -2.14
C THR A 194 -21.15 -1.82 -0.93
N VAL A 195 -19.85 -1.66 -1.12
CA VAL A 195 -18.87 -1.92 -0.07
C VAL A 195 -17.85 -0.78 0.08
N GLU A 196 -18.26 0.42 -0.33
CA GLU A 196 -17.40 1.60 -0.20
C GLU A 196 -17.33 2.10 1.25
N LEU A 197 -16.38 3.00 1.51
CA LEU A 197 -16.26 3.68 2.80
C LEU A 197 -17.44 4.64 2.98
N ARG A 198 -18.23 4.44 4.03
CA ARG A 198 -19.40 5.29 4.28
C ARG A 198 -19.06 6.53 5.09
N ASP A 199 -19.88 7.58 4.92
CA ASP A 199 -19.72 8.86 5.66
C ASP A 199 -18.30 9.42 5.55
N GLN A 200 -17.83 9.57 4.31
CA GLN A 200 -16.52 10.15 4.05
C GLN A 200 -16.45 11.61 4.48
N ALA A 201 -17.60 12.30 4.47
CA ALA A 201 -17.63 13.69 4.92
C ALA A 201 -17.02 13.87 6.32
N ALA A 202 -17.36 12.95 7.24
CA ALA A 202 -16.82 12.99 8.61
C ALA A 202 -15.30 12.84 8.66
N LEU A 203 -14.74 11.93 7.85
CA LEU A 203 -13.30 11.82 7.75
C LEU A 203 -12.69 13.09 7.14
N GLY A 204 -13.36 13.64 6.13
CA GLY A 204 -12.90 14.86 5.45
C GLY A 204 -12.74 16.04 6.40
N ARG A 205 -13.71 16.20 7.31
CA ARG A 205 -13.66 17.27 8.30
C ARG A 205 -12.43 17.15 9.21
N VAL A 206 -12.04 15.92 9.50
CA VAL A 206 -10.86 15.65 10.33
C VAL A 206 -9.55 15.91 9.58
N LEU A 207 -9.48 15.42 8.34
CA LEU A 207 -8.23 15.48 7.57
C LEU A 207 -7.92 16.84 6.97
N ARG A 208 -8.94 17.62 6.63
CA ARG A 208 -8.73 18.89 5.93
C ARG A 208 -7.76 19.80 6.66
N GLY A 209 -6.74 20.28 5.95
CA GLY A 209 -5.78 21.23 6.50
C GLY A 209 -4.73 20.67 7.44
N THR A 210 -4.67 19.34 7.55
CA THR A 210 -3.64 18.67 8.38
C THR A 210 -2.36 18.41 7.56
N ASP A 211 -1.36 17.77 8.16
CA ASP A 211 -0.10 17.48 7.47
C ASP A 211 -0.11 16.15 6.71
N VAL A 212 -1.30 15.59 6.48
CA VAL A 212 -1.40 14.34 5.72
C VAL A 212 -1.05 14.61 4.25
N ARG A 213 0.06 14.01 3.81
CA ARG A 213 0.62 14.22 2.46
C ARG A 213 0.22 13.14 1.45
N ALA A 214 -0.23 12.01 1.97
CA ALA A 214 -0.68 10.88 1.12
C ALA A 214 -1.61 10.01 1.92
N ILE A 215 -2.65 9.52 1.26
CA ILE A 215 -3.51 8.48 1.84
C ILE A 215 -3.27 7.23 0.99
N LEU A 216 -2.72 6.19 1.61
CA LEU A 216 -2.49 4.92 0.92
C LEU A 216 -3.66 4.01 1.19
N ALA A 217 -4.17 3.39 0.14
CA ALA A 217 -5.35 2.54 0.26
C ALA A 217 -5.28 1.33 -0.69
N GLY A 218 -6.26 0.44 -0.52
CA GLY A 218 -6.40 -0.73 -1.39
C GLY A 218 -7.86 -0.92 -1.72
N HIS A 219 -8.34 -2.16 -1.55
CA HIS A 219 -9.78 -2.52 -1.66
C HIS A 219 -10.31 -2.62 -3.09
N LEU A 220 -9.89 -1.74 -3.99
CA LEU A 220 -10.49 -1.69 -5.32
C LEU A 220 -9.94 -2.74 -6.30
N HIS A 221 -8.74 -3.25 -6.02
CA HIS A 221 -8.06 -4.22 -6.91
C HIS A 221 -7.83 -3.67 -8.33
N TYR A 222 -7.63 -2.35 -8.43
CA TYR A 222 -7.06 -1.73 -9.63
C TYR A 222 -6.30 -0.48 -9.20
N SER A 223 -5.45 0.04 -10.09
CA SER A 223 -4.60 1.20 -9.73
C SER A 223 -5.36 2.47 -9.99
N THR A 224 -5.50 3.31 -8.97
CA THR A 224 -6.29 4.52 -9.12
C THR A 224 -5.86 5.55 -8.10
N ASN A 225 -6.08 6.81 -8.43
CA ASN A 225 -5.68 7.91 -7.56
C ASN A 225 -6.61 9.11 -7.74
N ALA A 226 -6.73 9.90 -6.69
CA ALA A 226 -7.55 11.11 -6.74
C ALA A 226 -7.12 12.01 -5.59
N THR A 227 -7.90 13.04 -5.29
CA THR A 227 -7.69 13.77 -4.05
C THR A 227 -8.92 13.66 -3.19
N PHE A 228 -8.72 13.84 -1.88
CA PHE A 228 -9.80 13.85 -0.92
C PHE A 228 -9.53 15.00 0.03
N VAL A 229 -10.45 15.96 0.06
CA VAL A 229 -10.29 17.24 0.77
C VAL A 229 -8.88 17.83 0.56
N GLY A 230 -8.42 17.76 -0.69
CA GLY A 230 -7.14 18.33 -1.12
C GLY A 230 -5.91 17.49 -0.87
N ILE A 231 -6.11 16.28 -0.32
CA ILE A 231 -5.03 15.34 -0.04
C ILE A 231 -4.97 14.24 -1.11
N PRO A 232 -3.78 13.99 -1.68
CA PRO A 232 -3.70 12.89 -2.65
C PRO A 232 -4.00 11.53 -2.03
N VAL A 233 -4.86 10.78 -2.69
CA VAL A 233 -5.15 9.39 -2.34
C VAL A 233 -4.56 8.49 -3.42
N SER A 234 -3.82 7.46 -3.00
CA SER A 234 -3.25 6.49 -3.93
C SER A 234 -3.71 5.07 -3.58
N VAL A 235 -4.43 4.44 -4.50
CA VAL A 235 -4.91 3.07 -4.31
C VAL A 235 -4.01 2.13 -5.08
N ALA A 236 -3.33 1.25 -4.36
CA ALA A 236 -2.56 0.20 -4.99
C ALA A 236 -3.50 -0.89 -5.47
N SER A 237 -3.16 -1.49 -6.61
CA SER A 237 -3.86 -2.70 -7.05
C SER A 237 -3.47 -3.89 -6.16
N ALA A 238 -3.93 -5.09 -6.53
CA ALA A 238 -3.78 -6.27 -5.68
C ALA A 238 -2.67 -7.20 -6.17
N THR A 239 -2.12 -8.02 -5.28
CA THR A 239 -1.08 -8.98 -5.69
C THR A 239 -1.68 -10.28 -6.21
N CYS A 240 -2.96 -10.51 -5.88
CA CYS A 240 -3.58 -11.81 -6.18
C CYS A 240 -4.31 -11.84 -7.53
N TYR A 241 -5.25 -10.90 -7.72
CA TYR A 241 -6.02 -10.80 -8.97
C TYR A 241 -6.54 -9.37 -9.03
N THR A 242 -6.83 -8.89 -10.24
CA THR A 242 -7.17 -7.46 -10.39
C THR A 242 -8.42 -7.28 -11.25
N GLN A 243 -9.04 -6.12 -11.11
CA GLN A 243 -10.23 -5.84 -11.91
C GLN A 243 -9.87 -5.55 -13.37
N ASP A 244 -10.66 -6.11 -14.28
CA ASP A 244 -10.48 -5.80 -15.70
C ASP A 244 -11.28 -4.54 -15.98
N LEU A 245 -10.60 -3.44 -16.29
CA LEU A 245 -11.29 -2.19 -16.60
C LEU A 245 -11.68 -2.05 -18.07
N THR A 246 -11.66 -3.16 -18.81
CA THR A 246 -12.26 -3.20 -20.16
C THR A 246 -13.57 -3.98 -20.11
N VAL A 247 -14.01 -4.34 -18.92
CA VAL A 247 -15.30 -5.01 -18.72
C VAL A 247 -16.46 -4.16 -19.27
N ALA A 248 -17.49 -4.82 -19.79
CA ALA A 248 -18.73 -4.14 -20.17
C ALA A 248 -19.12 -3.11 -19.10
N ALA A 249 -19.36 -1.87 -19.54
CA ALA A 249 -19.68 -0.75 -18.66
C ALA A 249 -20.82 -1.09 -17.70
N GLY A 250 -20.60 -0.87 -16.41
CA GLY A 250 -21.59 -1.21 -15.38
C GLY A 250 -21.31 -2.53 -14.68
N GLY A 251 -20.46 -3.37 -15.30
CA GLY A 251 -20.19 -4.72 -14.79
C GLY A 251 -18.88 -4.79 -14.03
N THR A 252 -18.50 -6.00 -13.62
CA THR A 252 -17.23 -6.22 -12.94
C THR A 252 -16.69 -7.64 -13.24
N ARG A 253 -15.38 -7.73 -13.46
CA ARG A 253 -14.74 -9.01 -13.69
C ARG A 253 -13.32 -8.99 -13.17
N GLY A 254 -13.06 -9.79 -12.15
CA GLY A 254 -11.70 -9.99 -11.64
C GLY A 254 -10.96 -10.94 -12.56
N ARG A 255 -9.64 -10.79 -12.63
CA ARG A 255 -8.86 -11.61 -13.55
C ARG A 255 -7.44 -11.90 -13.06
N ASP A 256 -6.91 -13.03 -13.50
CA ASP A 256 -5.53 -13.39 -13.22
C ASP A 256 -4.66 -12.66 -14.22
N GLY A 257 -4.34 -11.42 -13.87
CA GLY A 257 -3.51 -10.57 -14.71
C GLY A 257 -3.36 -9.21 -14.07
N ALA A 258 -2.32 -8.49 -14.48
CA ALA A 258 -2.07 -7.11 -14.08
C ALA A 258 -1.82 -6.91 -12.58
N GLN A 259 -1.44 -7.98 -11.88
CA GLN A 259 -1.06 -7.88 -10.47
C GLN A 259 0.23 -7.08 -10.29
N GLY A 260 0.43 -6.53 -9.10
CA GLY A 260 1.69 -5.85 -8.78
C GLY A 260 1.56 -5.14 -7.46
N CYS A 261 2.36 -4.09 -7.28
CA CYS A 261 2.19 -3.22 -6.12
C CYS A 261 2.58 -1.80 -6.54
N ASN A 262 2.69 -0.91 -5.56
CA ASN A 262 3.12 0.47 -5.80
C ASN A 262 4.42 0.79 -5.08
N LEU A 263 5.12 1.79 -5.60
CA LEU A 263 6.31 2.35 -4.96
C LEU A 263 5.98 3.81 -4.60
N VAL A 264 6.34 4.21 -3.39
CA VAL A 264 6.08 5.56 -2.92
C VAL A 264 7.42 6.25 -2.66
N HIS A 265 7.61 7.41 -3.27
CA HIS A 265 8.83 8.22 -3.07
C HIS A 265 8.40 9.54 -2.44
N VAL A 266 8.90 9.79 -1.23
CA VAL A 266 8.59 11.04 -0.53
C VAL A 266 9.74 12.01 -0.76
N TYR A 267 9.46 13.08 -1.49
CA TYR A 267 10.45 14.14 -1.77
C TYR A 267 10.21 15.34 -0.84
N PRO A 268 11.12 16.32 -0.82
CA PRO A 268 10.87 17.51 0.03
C PRO A 268 9.53 18.20 -0.27
N ASP A 269 9.11 18.20 -1.53
CA ASP A 269 8.01 19.07 -1.98
C ASP A 269 6.84 18.31 -2.62
N THR A 270 6.96 17.00 -2.73
CA THR A 270 5.92 16.20 -3.37
C THR A 270 6.04 14.73 -2.99
N VAL A 271 4.97 13.97 -3.22
CA VAL A 271 4.98 12.53 -3.03
C VAL A 271 4.65 11.88 -4.37
N VAL A 272 5.52 10.97 -4.81
CA VAL A 272 5.30 10.29 -6.09
C VAL A 272 4.85 8.86 -5.83
N HIS A 273 3.78 8.44 -6.50
CA HIS A 273 3.33 7.05 -6.45
C HIS A 273 3.54 6.44 -7.83
N SER A 274 4.12 5.24 -7.86
CA SER A 274 4.38 4.58 -9.14
C SER A 274 3.90 3.14 -9.08
N VAL A 275 3.28 2.71 -10.18
CA VAL A 275 2.78 1.35 -10.29
C VAL A 275 3.89 0.41 -10.72
N ILE A 276 4.10 -0.65 -9.94
CA ILE A 276 5.03 -1.74 -10.30
C ILE A 276 4.23 -2.99 -10.69
N PRO A 277 4.02 -3.20 -11.99
CA PRO A 277 3.43 -4.49 -12.40
C PRO A 277 4.44 -5.61 -12.18
N LEU A 278 3.97 -6.84 -12.15
CA LEU A 278 4.91 -7.95 -12.19
C LEU A 278 5.97 -7.72 -13.28
N GLY A 279 7.21 -8.05 -12.96
CA GLY A 279 8.30 -7.93 -13.95
C GLY A 279 8.14 -8.95 -15.07
N GLY A 280 8.81 -8.66 -16.17
CA GLY A 280 8.88 -9.62 -17.26
C GLY A 280 8.41 -8.98 -18.55
N GLY A 281 8.23 -9.84 -19.56
CA GLY A 281 7.98 -9.39 -20.91
C GLY A 281 9.30 -9.26 -21.64
N GLU A 282 9.27 -9.53 -22.93
CA GLU A 282 10.48 -9.43 -23.75
C GLU A 282 10.98 -8.00 -23.84
N THR A 283 12.30 -7.84 -23.83
CA THR A 283 12.90 -6.50 -23.91
C THR A 283 12.52 -5.77 -25.20
N VAL A 284 12.19 -4.49 -25.05
CA VAL A 284 11.96 -3.59 -26.18
C VAL A 284 12.88 -2.39 -26.01
N GLY A 285 13.64 -2.08 -27.05
CA GLY A 285 14.65 -1.05 -27.01
C GLY A 285 15.90 -1.59 -26.33
N THR A 286 16.79 -0.69 -25.94
CA THR A 286 18.07 -1.08 -25.34
C THR A 286 17.97 -1.20 -23.83
N PHE A 287 18.44 -2.32 -23.27
CA PHE A 287 18.58 -2.45 -21.83
C PHE A 287 19.77 -1.62 -21.35
N VAL A 288 19.54 -0.76 -20.37
CA VAL A 288 20.64 0.03 -19.78
C VAL A 288 20.93 -0.46 -18.36
N SER A 289 22.13 -1.00 -18.16
CA SER A 289 22.55 -1.45 -16.83
C SER A 289 22.74 -0.24 -15.90
N PRO A 290 22.68 -0.46 -14.58
CA PRO A 290 22.95 0.65 -13.63
C PRO A 290 24.29 1.37 -13.88
N GLY A 291 25.35 0.61 -14.19
CA GLY A 291 26.66 1.20 -14.47
C GLY A 291 26.66 2.04 -15.74
N GLN A 292 25.99 1.54 -16.77
CA GLN A 292 25.86 2.23 -18.05
C GLN A 292 25.04 3.51 -17.89
N ALA A 293 24.02 3.44 -17.05
CA ALA A 293 23.16 4.60 -16.79
C ALA A 293 23.95 5.71 -16.09
N ARG A 294 24.79 5.34 -15.13
CA ARG A 294 25.59 6.33 -14.42
C ARG A 294 26.54 7.06 -15.37
N ARG A 295 27.13 6.30 -16.29
CA ARG A 295 28.00 6.83 -17.31
C ARG A 295 27.25 7.78 -18.27
N LYS A 296 26.08 7.33 -18.75
CA LYS A 296 25.27 8.11 -19.70
C LYS A 296 24.77 9.43 -19.11
N ILE A 297 24.34 9.38 -17.85
CA ILE A 297 23.86 10.56 -17.14
C ILE A 297 24.98 11.61 -17.02
N ALA A 298 26.16 11.17 -16.58
CA ALA A 298 27.35 12.04 -16.53
C ALA A 298 27.67 12.62 -17.90
N GLU A 299 27.65 11.77 -18.93
CA GLU A 299 27.95 12.18 -20.31
C GLU A 299 26.92 13.16 -20.89
N SER A 300 25.71 13.17 -20.31
CA SER A 300 24.69 14.17 -20.63
C SER A 300 24.85 15.47 -19.81
N GLY A 301 25.86 15.50 -18.95
CA GLY A 301 26.20 16.69 -18.16
C GLY A 301 25.28 16.96 -16.98
N ILE A 302 24.75 15.89 -16.40
CA ILE A 302 23.78 15.95 -15.30
C ILE A 302 24.24 15.13 -14.09
N PHE A 303 23.93 15.62 -12.90
CA PHE A 303 24.03 14.81 -11.69
C PHE A 303 22.74 14.92 -10.87
N ILE A 304 22.44 13.87 -10.10
CA ILE A 304 21.26 13.86 -9.24
C ILE A 304 21.68 14.19 -7.81
N GLU A 305 21.10 15.26 -7.26
CA GLU A 305 21.42 15.70 -5.89
C GLU A 305 21.03 14.62 -4.89
N PRO A 306 21.94 14.31 -3.93
CA PRO A 306 21.68 13.24 -2.98
C PRO A 306 20.52 13.55 -2.04
N SER A 307 19.93 12.48 -1.51
CA SER A 307 18.88 12.58 -0.50
C SER A 307 19.39 13.31 0.74
N ARG A 308 18.48 14.02 1.40
CA ARG A 308 18.76 14.62 2.70
C ARG A 308 18.98 13.55 3.78
N ARG A 309 18.46 12.35 3.55
CA ARG A 309 18.66 11.21 4.46
C ARG A 309 19.71 10.21 3.96
N ASP A 310 20.53 10.62 2.99
CA ASP A 310 21.58 9.75 2.45
C ASP A 310 22.56 9.29 3.51
#